data_5AM5
#
_entry.id   5AM5
#
_cell.length_a   92.324
_cell.length_b   92.324
_cell.length_c   244.472
_cell.angle_alpha   90.00
_cell.angle_beta   90.00
_cell.angle_gamma   120.00
#
_symmetry.space_group_name_H-M   'P 65 2 2'
#
loop_
_entity.id
_entity.type
_entity.pdbx_description
1 polymer 'BIFUNCTIONAL EPOXIDE HYDROLASE 2'
2 non-polymer 'DIMETHYL SULFOXIDE'
3 non-polymer 5-cyclohexyl-3-propyl-1H-pyridin-2-one
4 water water
#
_entity_poly.entity_id   1
_entity_poly.type   'polypeptide(L)'
_entity_poly.pdbx_seq_one_letter_code
;GMTLRAAVFDLDGVLALPAVFGVLGRTEEALALPRGLLNDAFQKGGPEGATTRLMKGEITLSQWIPLMEENCRKCSETAK
VCLPKNFSIKEIFDKAISARKINRPMLQAALMLRKKGFTTAILTNTWLDDRAERDGLAQLMCELKMHFDFLIESCQVGMV
KPEPQIYKFLLDTLKASPSEVVFLDDIGANLKPARDLGMVTILVQDTDTALKELEKVTGIQLLNTPAPLPTSCNPSDMSH
GYVTVKPRVRLHFVELGSGPAVCLCHGFPESWYSWRYQIPALAQAGYRVLAMDMKGYGESSAPPEIEEYCMEVLCKEMVT
FLDKLGLSQAVFIGHDWGGMLVWYMALFYPERVRAVASLNTPFIPANPNMSPLESIKANPVFDYQLYFQEPGVAEAELEQ
NLSRTFKSLFRASDESVLSMHKVCEAGGLFVNSPEEPSLSRMVTEEEIQFYVQQFKKSGFRGPLNWYRNMERNWKWACKS
LGRKILIPALMVTAEKDFVLVPQMSQHMEDWIPHLKRGHIEDCGHWTQMDKPTEVNQILIKWLDSDARN
;
_entity_poly.pdbx_strand_id   A
#
# COMPACT_ATOMS: atom_id res chain seq x y z
N THR A 3 -29.11 9.86 15.57
CA THR A 3 -27.70 9.46 15.71
C THR A 3 -27.05 9.02 14.37
N LEU A 4 -25.93 9.68 14.02
CA LEU A 4 -25.20 9.47 12.78
C LEU A 4 -24.50 8.11 12.67
N ARG A 5 -24.59 7.50 11.49
CA ARG A 5 -23.92 6.25 11.13
C ARG A 5 -23.40 6.27 9.67
N ALA A 6 -23.66 7.37 8.94
CA ALA A 6 -23.19 7.54 7.57
C ALA A 6 -22.61 8.92 7.32
N ALA A 7 -21.51 8.97 6.55
CA ALA A 7 -20.87 10.22 6.14
C ALA A 7 -20.70 10.23 4.64
N VAL A 8 -21.20 11.31 4.00
CA VAL A 8 -21.16 11.47 2.55
C VAL A 8 -20.28 12.66 2.21
N PHE A 9 -19.39 12.47 1.24
CA PHE A 9 -18.46 13.52 0.82
C PHE A 9 -18.58 13.81 -0.65
N ASP A 10 -18.51 15.09 -0.97
CA ASP A 10 -18.49 15.54 -2.35
C ASP A 10 -17.02 15.35 -2.80
N LEU A 11 -16.76 15.41 -4.10
CA LEU A 11 -15.40 15.23 -4.57
C LEU A 11 -14.68 16.55 -4.79
N ASP A 12 -15.12 17.35 -5.78
CA ASP A 12 -14.51 18.64 -6.10
C ASP A 12 -14.74 19.64 -4.96
N GLY A 13 -13.64 20.16 -4.41
CA GLY A 13 -13.67 21.10 -3.29
C GLY A 13 -13.79 20.47 -1.91
N VAL A 14 -13.98 19.14 -1.82
CA VAL A 14 -14.12 18.43 -0.53
C VAL A 14 -13.02 17.36 -0.38
N LEU A 15 -13.06 16.24 -1.18
CA LEU A 15 -12.03 15.19 -1.14
C LEU A 15 -10.85 15.49 -2.07
N ALA A 16 -11.05 16.39 -3.07
CA ALA A 16 -10.03 16.80 -4.01
C ALA A 16 -9.93 18.35 -4.05
N LEU A 17 -8.69 18.86 -4.04
CA LEU A 17 -8.32 20.28 -4.05
C LEU A 17 -7.11 20.58 -4.96
N PRO A 18 -7.04 21.75 -5.62
CA PRO A 18 -8.07 22.82 -5.69
C PRO A 18 -9.26 22.40 -6.56
N ALA A 19 -10.43 22.97 -6.27
CA ALA A 19 -11.67 22.71 -7.01
C ALA A 19 -11.55 23.23 -8.45
N VAL A 20 -12.13 22.50 -9.41
CA VAL A 20 -12.13 22.85 -10.84
C VAL A 20 -12.91 24.16 -11.10
N PHE A 21 -13.97 24.44 -10.27
CA PHE A 21 -14.79 25.66 -10.35
C PHE A 21 -13.96 26.92 -10.03
N GLY A 22 -12.93 26.76 -9.18
CA GLY A 22 -12.02 27.82 -8.79
C GLY A 22 -10.99 28.19 -9.83
N VAL A 23 -10.81 27.31 -10.84
CA VAL A 23 -9.90 27.48 -11.98
C VAL A 23 -10.55 28.42 -13.01
N LEU A 24 -11.87 28.28 -13.23
CA LEU A 24 -12.64 29.13 -14.14
C LEU A 24 -12.51 30.61 -13.72
N GLY A 25 -12.55 30.85 -12.40
CA GLY A 25 -12.37 32.17 -11.79
C GLY A 25 -10.95 32.67 -11.95
N ARG A 26 -9.96 31.77 -11.72
CA ARG A 26 -8.54 32.08 -11.84
C ARG A 26 -8.12 32.39 -13.27
N THR A 27 -8.73 31.70 -14.26
CA THR A 27 -8.49 31.91 -15.69
C THR A 27 -9.08 33.28 -16.13
N GLU A 28 -10.28 33.66 -15.62
CA GLU A 28 -10.88 34.97 -15.92
C GLU A 28 -9.91 36.09 -15.46
N GLU A 29 -9.43 36.03 -14.20
CA GLU A 29 -8.49 37.00 -13.62
C GLU A 29 -7.16 37.06 -14.37
N ALA A 30 -6.58 35.88 -14.73
CA ALA A 30 -5.31 35.79 -15.46
C ALA A 30 -5.45 36.37 -16.87
N LEU A 31 -6.54 36.04 -17.57
CA LEU A 31 -6.77 36.55 -18.91
C LEU A 31 -7.50 37.91 -18.90
N ALA A 32 -7.68 38.51 -17.69
CA ALA A 32 -8.38 39.78 -17.43
C ALA A 32 -9.75 39.86 -18.16
N LEU A 33 -10.47 38.73 -18.16
CA LEU A 33 -11.80 38.60 -18.77
C LEU A 33 -12.86 39.13 -17.81
N PRO A 34 -14.09 39.50 -18.29
CA PRO A 34 -15.14 39.92 -17.35
C PRO A 34 -15.41 38.88 -16.29
N ARG A 35 -15.56 39.30 -15.04
CA ARG A 35 -15.79 38.40 -13.92
C ARG A 35 -17.02 37.51 -14.14
N GLY A 36 -16.84 36.24 -13.82
CA GLY A 36 -17.88 35.22 -13.93
C GLY A 36 -18.28 34.82 -15.34
N LEU A 37 -17.56 35.29 -16.39
CA LEU A 37 -17.90 34.92 -17.78
C LEU A 37 -17.75 33.41 -18.04
N LEU A 38 -16.63 32.81 -17.59
CA LEU A 38 -16.34 31.39 -17.77
C LEU A 38 -17.29 30.52 -16.96
N ASN A 39 -17.62 30.94 -15.74
CA ASN A 39 -18.54 30.23 -14.86
C ASN A 39 -19.96 30.31 -15.40
N ASP A 40 -20.31 31.42 -16.07
CA ASP A 40 -21.62 31.59 -16.65
C ASP A 40 -21.80 30.78 -17.94
N ALA A 41 -20.76 30.69 -18.79
CA ALA A 41 -20.81 29.87 -20.01
C ALA A 41 -20.92 28.38 -19.61
N PHE A 42 -20.24 28.00 -18.49
CA PHE A 42 -20.25 26.66 -17.90
C PHE A 42 -21.67 26.21 -17.51
N GLN A 43 -22.40 27.07 -16.80
CA GLN A 43 -23.75 26.74 -16.35
C GLN A 43 -24.89 27.18 -17.32
N LYS A 44 -24.53 27.68 -18.53
CA LYS A 44 -25.51 28.16 -19.51
C LYS A 44 -26.63 27.16 -19.84
N GLY A 45 -27.87 27.59 -19.60
CA GLY A 45 -29.09 26.82 -19.83
C GLY A 45 -29.51 25.89 -18.71
N GLY A 46 -28.91 26.07 -17.53
CA GLY A 46 -29.16 25.29 -16.31
C GLY A 46 -29.42 23.81 -16.53
N PRO A 47 -30.66 23.32 -16.21
CA PRO A 47 -30.98 21.89 -16.40
C PRO A 47 -31.12 21.42 -17.85
N GLU A 48 -31.24 22.36 -18.79
CA GLU A 48 -31.38 22.05 -20.21
C GLU A 48 -30.04 22.09 -20.94
N GLY A 49 -29.07 22.83 -20.39
CA GLY A 49 -27.74 23.06 -20.95
C GLY A 49 -26.80 21.88 -21.13
N ALA A 50 -25.68 22.15 -21.81
CA ALA A 50 -24.64 21.19 -22.16
C ALA A 50 -23.94 20.57 -20.93
N THR A 51 -23.76 21.37 -19.86
CA THR A 51 -23.11 20.90 -18.64
C THR A 51 -23.95 19.87 -17.93
N THR A 52 -25.30 20.05 -17.88
CA THR A 52 -26.22 19.09 -17.27
C THR A 52 -26.21 17.76 -18.02
N ARG A 53 -26.24 17.81 -19.38
CA ARG A 53 -26.19 16.64 -20.27
C ARG A 53 -24.91 15.83 -20.03
N LEU A 54 -23.78 16.53 -19.89
CA LEU A 54 -22.48 15.98 -19.57
C LEU A 54 -22.54 15.29 -18.19
N MET A 55 -22.97 16.02 -17.17
CA MET A 55 -23.07 15.50 -15.79
C MET A 55 -24.01 14.30 -15.63
N LYS A 56 -25.03 14.19 -16.49
CA LYS A 56 -26.01 13.10 -16.46
C LYS A 56 -25.56 11.87 -17.26
N GLY A 57 -24.48 12.01 -18.03
CA GLY A 57 -23.91 10.94 -18.84
C GLY A 57 -24.46 10.83 -20.25
N GLU A 58 -25.14 11.89 -20.73
CA GLU A 58 -25.74 11.91 -22.07
C GLU A 58 -24.68 12.02 -23.14
N ILE A 59 -23.60 12.72 -22.81
CA ILE A 59 -22.46 13.01 -23.68
C ILE A 59 -21.17 12.88 -22.88
N THR A 60 -20.06 12.70 -23.60
CA THR A 60 -18.72 12.58 -23.02
C THR A 60 -18.04 13.95 -22.96
N LEU A 61 -16.93 14.04 -22.17
CA LEU A 61 -16.16 15.27 -22.02
C LEU A 61 -15.67 15.85 -23.37
N SER A 62 -15.20 15.01 -24.31
CA SER A 62 -14.78 15.44 -25.63
C SER A 62 -15.92 15.99 -26.48
N GLN A 63 -17.16 15.50 -26.28
CA GLN A 63 -18.33 16.05 -26.98
C GLN A 63 -18.72 17.40 -26.37
N TRP A 64 -18.53 17.54 -25.05
CA TRP A 64 -18.86 18.76 -24.32
C TRP A 64 -17.96 19.95 -24.66
N ILE A 65 -16.62 19.73 -24.77
CA ILE A 65 -15.64 20.78 -25.09
C ILE A 65 -16.15 21.77 -26.18
N PRO A 66 -16.51 21.35 -27.42
CA PRO A 66 -17.01 22.32 -28.41
C PRO A 66 -18.26 23.08 -28.01
N LEU A 67 -19.18 22.45 -27.26
CA LEU A 67 -20.40 23.15 -26.78
C LEU A 67 -20.08 24.26 -25.75
N MET A 68 -19.03 24.06 -24.91
CA MET A 68 -18.55 25.02 -23.92
C MET A 68 -17.91 26.23 -24.62
N GLU A 69 -17.18 25.99 -25.75
CA GLU A 69 -16.54 27.02 -26.57
C GLU A 69 -17.60 27.97 -27.14
N GLU A 70 -18.70 27.40 -27.66
CA GLU A 70 -19.83 28.11 -28.24
C GLU A 70 -20.58 28.92 -27.19
N ASN A 71 -20.70 28.38 -25.96
CA ASN A 71 -21.33 29.11 -24.85
C ASN A 71 -20.42 30.28 -24.48
N CYS A 72 -19.08 30.04 -24.45
CA CYS A 72 -18.05 31.05 -24.16
C CYS A 72 -18.09 32.19 -25.16
N ARG A 73 -18.27 31.87 -26.45
CA ARG A 73 -18.42 32.83 -27.55
C ARG A 73 -19.70 33.67 -27.33
N LYS A 74 -20.86 33.00 -27.11
CA LYS A 74 -22.16 33.63 -26.85
C LYS A 74 -22.10 34.63 -25.67
N CYS A 75 -21.45 34.22 -24.54
CA CYS A 75 -21.26 35.03 -23.33
C CYS A 75 -20.38 36.26 -23.58
N SER A 76 -19.25 36.09 -24.30
CA SER A 76 -18.34 37.18 -24.65
C SER A 76 -19.02 38.23 -25.56
N GLU A 77 -19.85 37.77 -26.51
CA GLU A 77 -20.64 38.58 -27.46
C GLU A 77 -21.62 39.51 -26.73
N THR A 78 -22.40 38.96 -25.77
CA THR A 78 -23.38 39.65 -24.95
C THR A 78 -22.69 40.66 -24.03
N ALA A 79 -21.53 40.29 -23.45
CA ALA A 79 -20.74 41.15 -22.55
C ALA A 79 -19.96 42.24 -23.30
N LYS A 80 -20.03 42.23 -24.67
CA LYS A 80 -19.35 43.15 -25.59
C LYS A 80 -17.82 43.15 -25.36
N VAL A 81 -17.26 41.93 -25.27
CA VAL A 81 -15.83 41.66 -25.07
C VAL A 81 -15.35 40.59 -26.07
N CYS A 82 -14.03 40.40 -26.15
CA CYS A 82 -13.42 39.43 -27.05
C CYS A 82 -12.51 38.48 -26.30
N LEU A 83 -12.72 37.16 -26.49
CA LEU A 83 -11.89 36.11 -25.89
C LEU A 83 -10.49 36.15 -26.56
N PRO A 84 -9.38 35.86 -25.82
CA PRO A 84 -8.05 35.93 -26.45
C PRO A 84 -7.83 34.97 -27.62
N LYS A 85 -6.74 35.20 -28.38
CA LYS A 85 -6.32 34.43 -29.56
C LYS A 85 -6.11 32.92 -29.22
N ASN A 86 -5.24 32.62 -28.23
CA ASN A 86 -4.89 31.26 -27.79
C ASN A 86 -5.87 30.61 -26.75
N PHE A 87 -7.15 31.04 -26.78
CA PHE A 87 -8.21 30.55 -25.90
C PHE A 87 -8.62 29.13 -26.29
N SER A 88 -8.44 28.19 -25.34
CA SER A 88 -8.74 26.77 -25.50
C SER A 88 -9.25 26.19 -24.18
N ILE A 89 -10.53 25.77 -24.18
CA ILE A 89 -11.22 25.15 -23.07
C ILE A 89 -10.50 23.88 -22.64
N LYS A 90 -10.12 23.04 -23.61
CA LYS A 90 -9.37 21.79 -23.41
C LYS A 90 -8.13 22.02 -22.53
N GLU A 91 -7.26 22.99 -22.90
CA GLU A 91 -6.04 23.36 -22.17
C GLU A 91 -6.35 23.74 -20.72
N ILE A 92 -7.36 24.60 -20.53
CA ILE A 92 -7.80 25.05 -19.21
C ILE A 92 -8.21 23.85 -18.34
N PHE A 93 -9.13 22.99 -18.85
CA PHE A 93 -9.61 21.82 -18.13
C PHE A 93 -8.54 20.76 -17.92
N ASP A 94 -7.65 20.50 -18.92
CA ASP A 94 -6.52 19.57 -18.79
C ASP A 94 -5.67 19.92 -17.57
N LYS A 95 -5.29 21.22 -17.45
CA LYS A 95 -4.47 21.77 -16.37
C LYS A 95 -5.18 21.66 -15.02
N ALA A 96 -6.45 22.14 -14.94
CA ALA A 96 -7.32 22.11 -13.75
C ALA A 96 -7.42 20.70 -13.16
N ILE A 97 -7.67 19.68 -14.03
CA ILE A 97 -7.81 18.28 -13.63
C ILE A 97 -6.48 17.73 -13.10
N SER A 98 -5.37 18.06 -13.78
CA SER A 98 -4.03 17.61 -13.42
C SER A 98 -3.52 18.25 -12.13
N ALA A 99 -3.94 19.51 -11.84
CA ALA A 99 -3.51 20.24 -10.64
C ALA A 99 -4.30 19.80 -9.38
N ARG A 100 -5.45 19.14 -9.59
CA ARG A 100 -6.35 18.67 -8.55
C ARG A 100 -5.80 17.41 -7.87
N LYS A 101 -5.58 17.50 -6.54
CA LYS A 101 -4.98 16.44 -5.73
C LYS A 101 -5.93 16.06 -4.61
N ILE A 102 -5.72 14.89 -4.00
CA ILE A 102 -6.53 14.41 -2.87
C ILE A 102 -6.29 15.32 -1.70
N ASN A 103 -7.40 15.74 -1.03
CA ASN A 103 -7.33 16.54 0.18
C ASN A 103 -7.10 15.52 1.30
N ARG A 104 -5.82 15.22 1.56
CA ARG A 104 -5.40 14.23 2.56
C ARG A 104 -6.07 14.34 3.93
N PRO A 105 -6.17 15.53 4.59
CA PRO A 105 -6.88 15.58 5.90
C PRO A 105 -8.36 15.21 5.83
N MET A 106 -9.06 15.56 4.71
CA MET A 106 -10.46 15.19 4.51
C MET A 106 -10.58 13.66 4.35
N LEU A 107 -9.64 13.04 3.57
CA LEU A 107 -9.60 11.57 3.40
C LEU A 107 -9.35 10.84 4.72
N GLN A 108 -8.42 11.36 5.55
CA GLN A 108 -8.14 10.78 6.88
C GLN A 108 -9.35 10.79 7.78
N ALA A 109 -10.11 11.91 7.77
CA ALA A 109 -11.35 12.03 8.55
C ALA A 109 -12.38 10.98 8.09
N ALA A 110 -12.53 10.79 6.77
CA ALA A 110 -13.40 9.77 6.20
C ALA A 110 -12.94 8.39 6.62
N LEU A 111 -11.61 8.14 6.65
CA LEU A 111 -11.00 6.89 7.10
C LEU A 111 -11.26 6.63 8.57
N MET A 112 -11.10 7.65 9.43
CA MET A 112 -11.34 7.56 10.85
C MET A 112 -12.82 7.27 11.12
N LEU A 113 -13.73 7.95 10.37
CA LEU A 113 -15.18 7.72 10.49
C LEU A 113 -15.52 6.28 10.12
N ARG A 114 -14.96 5.77 9.00
CA ARG A 114 -15.18 4.38 8.57
C ARG A 114 -14.63 3.35 9.57
N LYS A 115 -13.49 3.66 10.23
CA LYS A 115 -12.86 2.81 11.26
C LYS A 115 -13.74 2.70 12.51
N LYS A 116 -14.50 3.77 12.83
CA LYS A 116 -15.41 3.81 13.98
C LYS A 116 -16.85 3.27 13.66
N GLY A 117 -16.99 2.60 12.51
CA GLY A 117 -18.25 1.96 12.10
C GLY A 117 -19.15 2.69 11.14
N PHE A 118 -18.79 3.91 10.69
CA PHE A 118 -19.57 4.67 9.72
C PHE A 118 -19.52 4.06 8.33
N THR A 119 -20.64 4.17 7.60
CA THR A 119 -20.79 3.80 6.19
C THR A 119 -20.40 5.08 5.48
N THR A 120 -19.40 5.00 4.60
CA THR A 120 -18.92 6.21 3.92
C THR A 120 -19.21 6.18 2.42
N ALA A 121 -19.46 7.37 1.84
CA ALA A 121 -19.74 7.46 0.41
C ALA A 121 -19.24 8.73 -0.22
N ILE A 122 -18.95 8.65 -1.51
CA ILE A 122 -18.60 9.79 -2.32
C ILE A 122 -19.83 10.00 -3.20
N LEU A 123 -20.39 11.22 -3.18
CA LEU A 123 -21.49 11.55 -4.05
C LEU A 123 -20.97 12.69 -4.90
N THR A 124 -20.85 12.46 -6.21
CA THR A 124 -20.27 13.48 -7.09
C THR A 124 -20.97 13.70 -8.42
N ASN A 125 -20.95 14.96 -8.88
CA ASN A 125 -21.42 15.37 -10.20
C ASN A 125 -20.18 15.28 -11.05
N THR A 126 -20.12 14.27 -11.93
CA THR A 126 -18.94 14.04 -12.75
C THR A 126 -19.33 13.68 -14.17
N TRP A 127 -18.30 13.59 -15.04
CA TRP A 127 -18.45 13.32 -16.45
C TRP A 127 -17.79 12.00 -16.87
N LEU A 128 -18.10 11.57 -18.11
CA LEU A 128 -17.48 10.41 -18.72
C LEU A 128 -16.28 10.98 -19.46
N ASP A 129 -15.08 10.74 -18.90
CA ASP A 129 -13.83 11.30 -19.39
C ASP A 129 -13.15 10.47 -20.46
N ASP A 130 -13.18 10.95 -21.72
CA ASP A 130 -12.58 10.29 -22.90
C ASP A 130 -11.42 11.06 -23.49
N ARG A 131 -10.85 11.98 -22.71
CA ARG A 131 -9.70 12.79 -23.10
C ARG A 131 -8.49 11.88 -23.24
N ALA A 132 -7.53 12.23 -24.11
CA ALA A 132 -6.30 11.48 -24.27
C ALA A 132 -5.58 11.34 -22.90
N GLU A 133 -5.75 12.34 -22.01
CA GLU A 133 -5.14 12.42 -20.68
C GLU A 133 -6.01 11.96 -19.49
N ARG A 134 -7.14 11.24 -19.77
CA ARG A 134 -8.10 10.71 -18.79
C ARG A 134 -7.49 9.85 -17.65
N ASP A 135 -6.34 9.21 -17.89
CA ASP A 135 -5.66 8.35 -16.93
C ASP A 135 -5.33 8.99 -15.60
N GLY A 136 -4.97 10.28 -15.62
CA GLY A 136 -4.69 11.04 -14.41
C GLY A 136 -5.86 10.99 -13.45
N LEU A 137 -7.05 11.41 -13.93
CA LEU A 137 -8.31 11.36 -13.16
C LEU A 137 -8.67 9.90 -12.78
N ALA A 138 -8.46 8.93 -13.72
CA ALA A 138 -8.76 7.51 -13.50
C ALA A 138 -7.97 7.01 -12.28
N GLN A 139 -6.69 7.41 -12.18
CA GLN A 139 -5.82 7.10 -11.03
C GLN A 139 -6.33 7.73 -9.73
N LEU A 140 -6.79 9.01 -9.78
CA LEU A 140 -7.28 9.73 -8.60
C LEU A 140 -8.51 9.05 -8.05
N MET A 141 -9.45 8.68 -8.92
CA MET A 141 -10.69 8.01 -8.53
C MET A 141 -10.41 6.64 -7.94
N CYS A 142 -9.38 5.95 -8.47
CA CYS A 142 -8.91 4.65 -8.01
C CYS A 142 -8.40 4.72 -6.60
N GLU A 143 -7.45 5.64 -6.34
CA GLU A 143 -6.88 5.79 -5.00
C GLU A 143 -7.98 6.11 -4.01
N LEU A 144 -8.82 7.09 -4.33
CA LEU A 144 -9.93 7.53 -3.48
C LEU A 144 -11.02 6.48 -3.17
N LYS A 145 -11.66 5.89 -4.22
CA LYS A 145 -12.82 4.99 -4.10
C LYS A 145 -12.65 3.80 -3.18
N MET A 146 -11.42 3.22 -3.15
CA MET A 146 -11.14 2.04 -2.34
C MET A 146 -11.24 2.23 -0.81
N HIS A 147 -11.23 3.49 -0.36
CA HIS A 147 -11.38 3.89 1.04
C HIS A 147 -12.85 4.11 1.46
N PHE A 148 -13.82 3.97 0.51
CA PHE A 148 -15.24 4.24 0.77
C PHE A 148 -16.12 3.05 0.45
N ASP A 149 -17.29 2.95 1.08
CA ASP A 149 -18.24 1.87 0.82
C ASP A 149 -18.92 2.08 -0.52
N PHE A 150 -19.19 3.34 -0.89
CA PHE A 150 -19.89 3.65 -2.12
C PHE A 150 -19.31 4.85 -2.83
N LEU A 151 -19.31 4.78 -4.17
CA LEU A 151 -18.97 5.87 -5.06
C LEU A 151 -20.21 6.05 -5.95
N ILE A 152 -20.83 7.23 -5.87
CA ILE A 152 -22.04 7.57 -6.63
C ILE A 152 -21.68 8.71 -7.54
N GLU A 153 -21.72 8.47 -8.85
CA GLU A 153 -21.33 9.40 -9.91
C GLU A 153 -22.55 9.73 -10.73
N SER A 154 -22.83 11.02 -10.87
CA SER A 154 -23.95 11.53 -11.63
C SER A 154 -24.07 10.91 -13.03
N CYS A 155 -22.93 10.88 -13.79
CA CYS A 155 -22.88 10.40 -15.18
C CYS A 155 -23.16 8.88 -15.33
N GLN A 156 -23.08 8.17 -14.22
CA GLN A 156 -23.34 6.74 -14.15
C GLN A 156 -24.75 6.45 -13.69
N VAL A 157 -25.34 7.34 -12.86
CA VAL A 157 -26.72 7.21 -12.37
C VAL A 157 -27.78 8.02 -13.15
N GLY A 158 -27.33 8.83 -14.12
CA GLY A 158 -28.18 9.68 -14.96
C GLY A 158 -28.96 10.75 -14.20
N MET A 159 -28.55 11.04 -12.98
CA MET A 159 -29.18 12.03 -12.07
C MET A 159 -28.10 13.01 -11.66
N VAL A 160 -28.48 14.22 -11.24
CA VAL A 160 -27.50 15.24 -10.91
C VAL A 160 -27.84 15.99 -9.61
N LYS A 161 -26.82 16.42 -8.85
CA LYS A 161 -27.06 17.31 -7.70
C LYS A 161 -27.35 18.68 -8.37
N PRO A 162 -28.36 19.48 -7.95
CA PRO A 162 -29.19 19.37 -6.75
C PRO A 162 -30.58 18.74 -6.89
N GLU A 163 -30.82 17.93 -7.94
CA GLU A 163 -32.11 17.27 -8.16
C GLU A 163 -32.46 16.38 -6.97
N PRO A 164 -33.69 16.46 -6.42
CA PRO A 164 -34.03 15.64 -5.24
C PRO A 164 -33.90 14.11 -5.38
N GLN A 165 -34.00 13.59 -6.63
CA GLN A 165 -33.92 12.15 -6.96
C GLN A 165 -32.60 11.49 -6.55
N ILE A 166 -31.46 12.19 -6.77
CA ILE A 166 -30.11 11.73 -6.42
C ILE A 166 -29.96 11.54 -4.89
N TYR A 167 -30.64 12.39 -4.08
CA TYR A 167 -30.62 12.33 -2.61
C TYR A 167 -31.38 11.12 -2.09
N LYS A 168 -32.53 10.81 -2.75
CA LYS A 168 -33.35 9.63 -2.45
C LYS A 168 -32.57 8.40 -2.88
N PHE A 169 -31.86 8.44 -4.04
CA PHE A 169 -30.96 7.36 -4.51
C PHE A 169 -29.83 7.09 -3.48
N LEU A 170 -29.23 8.17 -2.94
CA LEU A 170 -28.14 8.12 -1.94
C LEU A 170 -28.58 7.37 -0.68
N LEU A 171 -29.72 7.79 -0.10
CA LEU A 171 -30.31 7.20 1.11
C LEU A 171 -30.63 5.72 0.92
N ASP A 172 -31.12 5.36 -0.27
CA ASP A 172 -31.40 3.97 -0.60
C ASP A 172 -30.13 3.12 -0.63
N THR A 173 -29.05 3.62 -1.32
CA THR A 173 -27.74 2.98 -1.41
C THR A 173 -27.17 2.75 0.00
N LEU A 174 -27.19 3.81 0.85
CA LEU A 174 -26.70 3.78 2.25
C LEU A 174 -27.54 2.92 3.20
N LYS A 175 -28.84 2.66 2.84
CA LYS A 175 -29.82 1.94 3.67
C LYS A 175 -29.91 2.66 5.05
N ALA A 176 -30.05 4.01 5.00
CA ALA A 176 -30.11 4.87 6.18
C ALA A 176 -31.12 5.98 6.05
N SER A 177 -31.78 6.34 7.16
CA SER A 177 -32.74 7.43 7.15
C SER A 177 -31.98 8.76 7.17
N PRO A 178 -32.53 9.84 6.57
CA PRO A 178 -31.79 11.11 6.53
C PRO A 178 -31.13 11.61 7.81
N SER A 179 -31.79 11.46 8.99
CA SER A 179 -31.25 11.91 10.28
C SER A 179 -29.92 11.21 10.71
N GLU A 180 -29.63 10.02 10.15
CA GLU A 180 -28.40 9.25 10.43
C GLU A 180 -27.24 9.62 9.41
N VAL A 181 -27.41 10.66 8.57
CA VAL A 181 -26.43 11.02 7.55
C VAL A 181 -25.86 12.44 7.70
N VAL A 182 -24.51 12.56 7.60
CA VAL A 182 -23.77 13.82 7.54
C VAL A 182 -23.43 13.91 6.07
N PHE A 183 -23.67 15.05 5.48
CA PHE A 183 -23.39 15.28 4.08
C PHE A 183 -22.49 16.54 3.99
N LEU A 184 -21.29 16.40 3.37
CA LEU A 184 -20.33 17.50 3.22
C LEU A 184 -20.23 17.93 1.76
N ASP A 185 -20.45 19.23 1.48
CA ASP A 185 -20.38 19.78 0.12
C ASP A 185 -19.85 21.23 0.15
N ASP A 186 -19.16 21.66 -0.91
CA ASP A 186 -18.66 23.03 -1.00
C ASP A 186 -19.66 23.97 -1.73
N ILE A 187 -20.76 23.40 -2.26
CA ILE A 187 -21.78 24.17 -3.02
C ILE A 187 -23.07 24.19 -2.21
N GLY A 188 -23.39 25.37 -1.67
CA GLY A 188 -24.58 25.64 -0.86
C GLY A 188 -25.87 25.12 -1.46
N ALA A 189 -26.03 25.32 -2.78
CA ALA A 189 -27.19 24.87 -3.58
C ALA A 189 -27.35 23.34 -3.51
N ASN A 190 -26.21 22.60 -3.41
CA ASN A 190 -26.20 21.13 -3.34
C ASN A 190 -26.46 20.58 -1.94
N LEU A 191 -26.24 21.40 -0.87
CA LEU A 191 -26.54 21.04 0.54
C LEU A 191 -28.04 21.15 0.81
N LYS A 192 -28.67 22.19 0.25
CA LYS A 192 -30.10 22.53 0.39
C LYS A 192 -31.05 21.30 0.34
N PRO A 193 -31.03 20.41 -0.69
CA PRO A 193 -31.97 19.27 -0.68
C PRO A 193 -31.67 18.24 0.40
N ALA A 194 -30.37 18.04 0.74
CA ALA A 194 -29.97 17.11 1.81
C ALA A 194 -30.54 17.60 3.14
N ARG A 195 -30.39 18.91 3.42
CA ARG A 195 -30.93 19.56 4.61
C ARG A 195 -32.47 19.46 4.69
N ASP A 196 -33.16 19.77 3.58
CA ASP A 196 -34.63 19.70 3.41
C ASP A 196 -35.20 18.32 3.78
N LEU A 197 -34.45 17.25 3.49
CA LEU A 197 -34.76 15.85 3.80
C LEU A 197 -34.49 15.51 5.27
N GLY A 198 -33.72 16.35 5.97
CA GLY A 198 -33.39 16.14 7.37
C GLY A 198 -31.98 15.64 7.67
N MET A 199 -31.09 15.63 6.65
CA MET A 199 -29.69 15.22 6.84
C MET A 199 -28.89 16.35 7.50
N VAL A 200 -27.84 15.97 8.26
CA VAL A 200 -26.87 16.93 8.82
C VAL A 200 -25.99 17.35 7.62
N THR A 201 -25.84 18.66 7.42
CA THR A 201 -25.07 19.20 6.31
C THR A 201 -23.92 20.06 6.81
N ILE A 202 -22.82 20.11 6.02
CA ILE A 202 -21.64 20.91 6.33
C ILE A 202 -21.23 21.60 5.04
N LEU A 203 -21.23 22.95 5.04
CA LEU A 203 -20.79 23.73 3.89
C LEU A 203 -19.28 23.83 4.09
N VAL A 204 -18.54 23.15 3.21
CA VAL A 204 -17.08 23.04 3.27
C VAL A 204 -16.42 24.21 2.58
N GLN A 205 -15.77 25.10 3.36
CA GLN A 205 -15.01 26.20 2.79
C GLN A 205 -13.59 25.75 2.99
N ASP A 206 -13.01 26.03 4.16
CA ASP A 206 -11.68 25.51 4.47
C ASP A 206 -11.91 24.19 5.18
N THR A 207 -11.00 23.24 4.95
CA THR A 207 -11.06 21.90 5.53
C THR A 207 -11.13 21.87 7.06
N ASP A 208 -10.25 22.64 7.76
CA ASP A 208 -10.19 22.66 9.24
C ASP A 208 -11.52 22.94 9.89
N THR A 209 -12.20 24.02 9.44
CA THR A 209 -13.52 24.40 9.96
C THR A 209 -14.54 23.30 9.69
N ALA A 210 -14.53 22.76 8.47
CA ALA A 210 -15.43 21.66 8.05
C ALA A 210 -15.26 20.44 8.94
N LEU A 211 -13.99 20.10 9.29
CA LEU A 211 -13.67 18.96 10.14
C LEU A 211 -14.01 19.19 11.61
N LYS A 212 -13.93 20.47 12.06
CA LYS A 212 -14.32 20.88 13.41
C LYS A 212 -15.81 20.62 13.57
N GLU A 213 -16.62 21.01 12.55
CA GLU A 213 -18.08 20.79 12.48
C GLU A 213 -18.37 19.31 12.45
N LEU A 214 -17.60 18.57 11.64
CA LEU A 214 -17.73 17.13 11.47
C LEU A 214 -17.47 16.39 12.77
N GLU A 215 -16.45 16.79 13.54
CA GLU A 215 -16.21 16.11 14.83
C GLU A 215 -17.20 16.52 15.91
N LYS A 216 -17.66 17.78 15.87
CA LYS A 216 -18.64 18.27 16.82
C LYS A 216 -19.96 17.51 16.66
N VAL A 217 -20.37 17.25 15.41
CA VAL A 217 -21.61 16.57 15.10
C VAL A 217 -21.59 15.03 15.26
N THR A 218 -20.42 14.40 15.08
CA THR A 218 -20.25 12.92 15.18
C THR A 218 -19.74 12.46 16.57
N GLY A 219 -19.07 13.33 17.29
CA GLY A 219 -18.47 13.02 18.59
C GLY A 219 -17.23 12.14 18.49
N ILE A 220 -16.57 12.16 17.31
CA ILE A 220 -15.36 11.38 17.01
C ILE A 220 -14.23 12.36 16.70
N GLN A 221 -13.05 12.17 17.33
CA GLN A 221 -11.85 12.99 17.11
C GLN A 221 -11.34 12.78 15.67
N LEU A 222 -11.36 13.85 14.85
CA LEU A 222 -10.91 13.79 13.46
C LEU A 222 -9.76 14.72 13.25
N LEU A 223 -9.74 15.80 14.03
CA LEU A 223 -8.69 16.82 14.02
C LEU A 223 -7.68 16.52 15.13
N ASN A 224 -6.39 16.86 14.91
CA ASN A 224 -5.30 16.73 15.91
C ASN A 224 -5.06 15.30 16.35
N THR A 225 -5.39 14.39 15.48
CA THR A 225 -5.31 12.96 15.68
C THR A 225 -3.86 12.45 15.52
N PRO A 226 -3.42 11.41 16.27
CA PRO A 226 -2.06 10.85 16.03
C PRO A 226 -1.86 10.40 14.57
N ALA A 227 -0.61 10.33 14.11
CA ALA A 227 -0.28 9.94 12.74
C ALA A 227 -0.87 8.56 12.39
N PRO A 228 -1.61 8.46 11.27
CA PRO A 228 -2.24 7.17 10.94
C PRO A 228 -1.25 6.21 10.29
N LEU A 229 -1.52 4.91 10.45
CA LEU A 229 -0.71 3.87 9.81
C LEU A 229 -1.03 3.88 8.29
N PRO A 230 -0.14 3.38 7.41
CA PRO A 230 -0.50 3.30 5.99
C PRO A 230 -1.68 2.32 5.78
N THR A 231 -2.28 2.33 4.58
CA THR A 231 -3.35 1.40 4.18
C THR A 231 -2.77 -0.04 4.29
N SER A 232 -3.55 -0.95 4.87
CA SER A 232 -3.19 -2.35 5.02
C SER A 232 -3.92 -3.15 3.91
N CYS A 233 -3.92 -4.49 3.98
CA CYS A 233 -4.55 -5.31 2.94
C CYS A 233 -5.61 -6.15 3.56
N ASN A 234 -6.74 -6.33 2.87
CA ASN A 234 -7.74 -7.33 3.26
C ASN A 234 -7.47 -8.55 2.33
N PRO A 235 -6.94 -9.67 2.88
CA PRO A 235 -6.64 -10.87 2.06
C PRO A 235 -7.64 -11.28 0.98
N SER A 236 -8.93 -11.13 1.27
CA SER A 236 -10.02 -11.53 0.37
C SER A 236 -10.31 -10.54 -0.77
N ASP A 237 -9.69 -9.35 -0.75
CA ASP A 237 -9.86 -8.32 -1.79
C ASP A 237 -8.65 -8.23 -2.73
N MET A 238 -7.65 -9.11 -2.54
CA MET A 238 -6.44 -9.07 -3.36
C MET A 238 -6.56 -10.00 -4.57
N SER A 239 -5.72 -9.76 -5.59
CA SER A 239 -5.59 -10.65 -6.72
C SER A 239 -4.57 -11.66 -6.25
N HIS A 240 -4.93 -12.97 -6.26
CA HIS A 240 -4.05 -14.07 -5.86
C HIS A 240 -3.57 -14.79 -7.13
N GLY A 241 -2.25 -14.95 -7.25
CA GLY A 241 -1.61 -15.60 -8.37
C GLY A 241 -0.91 -16.88 -7.98
N TYR A 242 -0.88 -17.87 -8.92
CA TYR A 242 -0.30 -19.22 -8.72
C TYR A 242 0.48 -19.64 -9.92
N VAL A 243 1.76 -19.95 -9.71
CA VAL A 243 2.71 -20.40 -10.75
C VAL A 243 3.34 -21.75 -10.36
N THR A 244 3.25 -22.75 -11.23
CA THR A 244 3.97 -24.02 -11.01
C THR A 244 5.42 -23.81 -11.51
N VAL A 245 6.40 -23.94 -10.61
CA VAL A 245 7.81 -23.73 -10.99
C VAL A 245 8.53 -25.03 -11.31
N LYS A 246 7.96 -26.15 -10.85
CA LYS A 246 8.42 -27.53 -11.09
C LYS A 246 7.29 -28.51 -10.68
N PRO A 247 7.28 -29.80 -11.15
CA PRO A 247 6.13 -30.67 -10.86
C PRO A 247 5.52 -30.70 -9.47
N ARG A 248 6.33 -30.68 -8.41
CA ARG A 248 5.76 -30.71 -7.05
C ARG A 248 5.75 -29.33 -6.34
N VAL A 249 6.16 -28.25 -7.06
CA VAL A 249 6.26 -26.92 -6.47
C VAL A 249 5.44 -25.86 -7.21
N ARG A 250 4.47 -25.30 -6.51
CA ARG A 250 3.66 -24.19 -6.98
C ARG A 250 3.97 -23.00 -6.04
N LEU A 251 4.09 -21.78 -6.61
CA LEU A 251 4.32 -20.58 -5.79
C LEU A 251 3.11 -19.65 -5.85
N HIS A 252 2.64 -19.24 -4.67
CA HIS A 252 1.52 -18.30 -4.50
C HIS A 252 2.05 -16.88 -4.23
N PHE A 253 1.33 -15.88 -4.77
CA PHE A 253 1.64 -14.46 -4.56
C PHE A 253 0.39 -13.63 -4.63
N VAL A 254 0.46 -12.44 -4.04
CA VAL A 254 -0.56 -11.42 -4.11
C VAL A 254 -0.01 -10.33 -5.04
N GLU A 255 -0.86 -9.76 -5.89
CA GLU A 255 -0.45 -8.81 -6.91
C GLU A 255 -1.27 -7.53 -6.94
N LEU A 256 -0.59 -6.39 -6.94
CA LEU A 256 -1.23 -5.08 -6.97
C LEU A 256 -0.36 -4.05 -7.70
N GLY A 257 -0.99 -3.27 -8.58
CA GLY A 257 -0.36 -2.18 -9.30
C GLY A 257 0.13 -2.49 -10.70
N SER A 258 0.55 -1.41 -11.36
CA SER A 258 1.15 -1.42 -12.70
C SER A 258 2.43 -0.65 -12.59
N GLY A 259 3.41 -1.01 -13.43
CA GLY A 259 4.73 -0.38 -13.44
C GLY A 259 5.82 -1.43 -13.37
N PRO A 260 7.08 -1.03 -13.04
CA PRO A 260 8.15 -2.03 -12.92
C PRO A 260 7.78 -3.06 -11.83
N ALA A 261 8.06 -4.36 -12.07
CA ALA A 261 7.76 -5.46 -11.14
C ALA A 261 8.63 -5.40 -9.88
N VAL A 262 8.01 -5.51 -8.71
CA VAL A 262 8.71 -5.45 -7.42
C VAL A 262 8.33 -6.71 -6.65
N CYS A 263 9.26 -7.62 -6.56
CA CYS A 263 9.05 -8.89 -5.90
C CYS A 263 9.48 -8.84 -4.41
N LEU A 264 8.48 -8.95 -3.50
CA LEU A 264 8.66 -8.91 -2.04
C LEU A 264 8.80 -10.31 -1.47
N CYS A 265 9.90 -10.54 -0.74
CA CYS A 265 10.32 -11.81 -0.15
C CYS A 265 10.40 -11.76 1.41
N HIS A 266 9.42 -12.35 2.06
CA HIS A 266 9.35 -12.34 3.52
C HIS A 266 10.39 -13.28 4.19
N GLY A 267 10.52 -13.14 5.50
CA GLY A 267 11.42 -13.98 6.31
C GLY A 267 10.68 -15.05 7.10
N PHE A 268 11.35 -15.56 8.12
CA PHE A 268 10.82 -16.62 8.96
C PHE A 268 10.19 -16.12 10.28
N PRO A 269 9.00 -16.63 10.72
CA PRO A 269 8.06 -17.57 10.06
C PRO A 269 6.89 -16.69 9.57
N GLU A 270 7.05 -16.14 8.38
CA GLU A 270 6.11 -15.14 7.92
C GLU A 270 5.13 -15.52 6.78
N SER A 271 4.75 -14.54 5.94
CA SER A 271 3.69 -14.65 4.92
C SER A 271 3.84 -13.48 3.96
N TRP A 272 3.09 -13.49 2.85
CA TRP A 272 2.97 -12.35 1.92
C TRP A 272 2.42 -11.16 2.74
N TYR A 273 1.50 -11.46 3.70
CA TYR A 273 0.79 -10.53 4.58
C TYR A 273 1.71 -9.70 5.49
N SER A 274 2.99 -10.09 5.64
CA SER A 274 3.99 -9.32 6.38
C SER A 274 4.29 -8.01 5.69
N TRP A 275 4.01 -7.94 4.36
CA TRP A 275 4.16 -6.75 3.50
C TRP A 275 2.81 -6.00 3.35
N ARG A 276 1.80 -6.33 4.16
CA ARG A 276 0.48 -5.69 4.06
C ARG A 276 0.47 -4.15 4.02
N TYR A 277 1.37 -3.49 4.80
CA TYR A 277 1.47 -2.03 4.85
C TYR A 277 2.31 -1.45 3.68
N GLN A 278 3.11 -2.28 2.98
CA GLN A 278 3.94 -1.84 1.84
C GLN A 278 3.21 -1.97 0.52
N ILE A 279 2.40 -3.04 0.34
CA ILE A 279 1.66 -3.35 -0.89
C ILE A 279 0.82 -2.19 -1.46
N PRO A 280 -0.22 -1.63 -0.75
CA PRO A 280 -0.95 -0.50 -1.32
C PRO A 280 -0.05 0.71 -1.60
N ALA A 281 0.90 1.02 -0.68
CA ALA A 281 1.87 2.13 -0.81
C ALA A 281 2.75 2.04 -2.07
N LEU A 282 3.43 0.89 -2.30
CA LEU A 282 4.31 0.68 -3.48
C LEU A 282 3.50 0.65 -4.80
N ALA A 283 2.26 0.10 -4.79
CA ALA A 283 1.39 0.11 -5.97
C ALA A 283 0.98 1.57 -6.28
N GLN A 284 0.61 2.34 -5.24
CA GLN A 284 0.28 3.76 -5.39
C GLN A 284 1.47 4.56 -5.91
N ALA A 285 2.72 4.18 -5.53
CA ALA A 285 3.94 4.88 -5.99
C ALA A 285 4.36 4.55 -7.42
N GLY A 286 3.55 3.76 -8.13
CA GLY A 286 3.77 3.43 -9.54
C GLY A 286 4.49 2.13 -9.84
N TYR A 287 4.32 1.13 -8.94
CA TYR A 287 4.97 -0.17 -9.11
C TYR A 287 3.98 -1.33 -9.17
N ARG A 288 4.36 -2.40 -9.87
CA ARG A 288 3.61 -3.66 -9.92
C ARG A 288 4.18 -4.53 -8.81
N VAL A 289 3.44 -4.66 -7.72
CA VAL A 289 3.88 -5.45 -6.55
C VAL A 289 3.53 -6.93 -6.66
N LEU A 290 4.54 -7.80 -6.43
CA LEU A 290 4.34 -9.24 -6.37
C LEU A 290 4.79 -9.69 -4.98
N ALA A 291 3.84 -9.82 -4.05
CA ALA A 291 4.13 -10.20 -2.67
C ALA A 291 4.02 -11.71 -2.54
N MET A 292 5.17 -12.37 -2.36
CA MET A 292 5.26 -13.83 -2.31
C MET A 292 4.88 -14.48 -1.01
N ASP A 293 4.43 -15.74 -1.14
CA ASP A 293 4.34 -16.74 -0.12
C ASP A 293 5.56 -17.55 -0.53
N MET A 294 6.65 -17.50 0.26
CA MET A 294 7.90 -18.18 -0.13
C MET A 294 7.69 -19.70 -0.01
N LYS A 295 8.54 -20.51 -0.63
CA LYS A 295 8.45 -21.98 -0.55
C LYS A 295 8.41 -22.40 0.95
N GLY A 296 7.39 -23.18 1.30
CA GLY A 296 7.14 -23.71 2.63
C GLY A 296 6.06 -22.97 3.39
N TYR A 297 5.51 -21.91 2.79
CA TYR A 297 4.57 -21.01 3.43
C TYR A 297 3.25 -20.81 2.72
N GLY A 298 2.20 -20.56 3.53
CA GLY A 298 0.84 -20.24 3.12
C GLY A 298 0.29 -21.15 2.04
N GLU A 299 -0.01 -20.54 0.88
CA GLU A 299 -0.55 -21.28 -0.27
C GLU A 299 0.52 -21.80 -1.22
N SER A 300 1.82 -21.60 -0.86
CA SER A 300 2.90 -22.12 -1.68
C SER A 300 3.14 -23.54 -1.24
N SER A 301 3.68 -24.38 -2.12
CA SER A 301 3.94 -25.76 -1.75
C SER A 301 4.97 -25.81 -0.61
N ALA A 302 4.92 -26.89 0.19
CA ALA A 302 5.85 -27.09 1.29
C ALA A 302 6.41 -28.51 1.27
N PRO A 303 7.33 -28.84 0.31
CA PRO A 303 7.89 -30.21 0.29
C PRO A 303 8.62 -30.54 1.59
N PRO A 304 8.68 -31.82 2.05
CA PRO A 304 9.29 -32.09 3.36
C PRO A 304 10.82 -32.14 3.42
N GLU A 305 11.47 -32.38 2.27
CA GLU A 305 12.92 -32.59 2.16
C GLU A 305 13.72 -31.34 2.41
N ILE A 306 14.74 -31.45 3.29
CA ILE A 306 15.62 -30.32 3.66
C ILE A 306 16.21 -29.57 2.45
N GLU A 307 16.83 -30.31 1.50
CA GLU A 307 17.54 -29.88 0.28
C GLU A 307 16.68 -28.98 -0.62
N GLU A 308 15.36 -29.15 -0.54
CA GLU A 308 14.39 -28.36 -1.28
C GLU A 308 14.43 -26.88 -0.83
N TYR A 309 15.06 -26.60 0.32
CA TYR A 309 15.13 -25.26 0.90
C TYR A 309 16.54 -24.69 0.90
N CYS A 310 17.47 -25.30 0.11
CA CYS A 310 18.79 -24.67 0.03
C CYS A 310 18.67 -23.47 -0.91
N MET A 311 19.53 -22.49 -0.73
CA MET A 311 19.55 -21.24 -1.50
C MET A 311 19.64 -21.42 -3.01
N GLU A 312 20.43 -22.39 -3.51
CA GLU A 312 20.54 -22.66 -4.96
C GLU A 312 19.18 -23.04 -5.59
N VAL A 313 18.45 -23.95 -4.92
CA VAL A 313 17.13 -24.46 -5.35
C VAL A 313 16.11 -23.33 -5.25
N LEU A 314 16.10 -22.62 -4.12
CA LEU A 314 15.18 -21.49 -3.88
C LEU A 314 15.40 -20.38 -4.93
N CYS A 315 16.67 -20.04 -5.23
CA CYS A 315 16.96 -19.01 -6.25
C CYS A 315 16.54 -19.43 -7.66
N LYS A 316 16.87 -20.67 -8.09
CA LYS A 316 16.50 -21.28 -9.38
C LYS A 316 15.00 -21.24 -9.58
N GLU A 317 14.25 -21.53 -8.52
CA GLU A 317 12.77 -21.49 -8.55
C GLU A 317 12.20 -20.08 -8.73
N MET A 318 12.89 -19.05 -8.17
CA MET A 318 12.47 -17.65 -8.32
C MET A 318 12.73 -17.15 -9.74
N VAL A 319 13.78 -17.67 -10.41
CA VAL A 319 14.14 -17.41 -11.80
C VAL A 319 13.03 -18.01 -12.70
N THR A 320 12.65 -19.29 -12.45
CA THR A 320 11.56 -19.99 -13.15
C THR A 320 10.26 -19.23 -12.97
N PHE A 321 10.03 -18.70 -11.75
CA PHE A 321 8.85 -17.90 -11.40
C PHE A 321 8.77 -16.69 -12.34
N LEU A 322 9.91 -15.99 -12.53
CA LEU A 322 10.00 -14.86 -13.46
C LEU A 322 9.73 -15.35 -14.90
N ASP A 323 10.39 -16.44 -15.31
CA ASP A 323 10.24 -17.06 -16.64
C ASP A 323 8.77 -17.36 -16.95
N LYS A 324 8.04 -17.99 -16.00
CA LYS A 324 6.64 -18.33 -16.24
C LYS A 324 5.65 -17.16 -16.27
N LEU A 325 5.98 -16.04 -15.61
CA LEU A 325 5.16 -14.82 -15.63
C LEU A 325 5.50 -13.95 -16.82
N GLY A 326 6.60 -14.27 -17.51
CA GLY A 326 7.11 -13.52 -18.66
C GLY A 326 7.82 -12.23 -18.27
N LEU A 327 8.52 -12.25 -17.12
CA LEU A 327 9.23 -11.08 -16.61
C LEU A 327 10.73 -11.25 -16.82
N SER A 328 11.36 -10.33 -17.54
CA SER A 328 12.81 -10.42 -17.75
C SER A 328 13.55 -10.01 -16.48
N GLN A 329 12.93 -9.13 -15.66
CA GLN A 329 13.49 -8.66 -14.39
C GLN A 329 12.41 -8.31 -13.40
N ALA A 330 12.84 -8.16 -12.13
CA ALA A 330 12.01 -7.60 -11.06
C ALA A 330 12.96 -6.98 -10.07
N VAL A 331 12.48 -5.99 -9.31
CA VAL A 331 13.32 -5.54 -8.20
C VAL A 331 13.03 -6.54 -7.07
N PHE A 332 14.07 -7.00 -6.40
CA PHE A 332 13.89 -7.95 -5.34
C PHE A 332 14.11 -7.28 -4.00
N ILE A 333 13.08 -7.29 -3.15
CA ILE A 333 13.10 -6.69 -1.79
C ILE A 333 12.84 -7.80 -0.77
N GLY A 334 13.79 -8.03 0.10
CA GLY A 334 13.67 -9.08 1.11
C GLY A 334 13.85 -8.64 2.54
N HIS A 335 13.36 -9.47 3.47
CA HIS A 335 13.48 -9.27 4.93
C HIS A 335 13.84 -10.61 5.55
N ASP A 336 14.83 -10.62 6.46
CA ASP A 336 15.25 -11.83 7.19
C ASP A 336 15.71 -12.90 6.18
N TRP A 337 15.11 -14.10 6.13
CA TRP A 337 15.52 -15.14 5.18
C TRP A 337 15.32 -14.71 3.72
N GLY A 338 14.29 -13.89 3.47
CA GLY A 338 14.00 -13.30 2.15
C GLY A 338 15.09 -12.32 1.74
N GLY A 339 15.71 -11.67 2.74
CA GLY A 339 16.82 -10.73 2.54
C GLY A 339 18.08 -11.44 2.09
N MET A 340 18.34 -12.63 2.69
CA MET A 340 19.48 -13.48 2.34
C MET A 340 19.32 -13.96 0.88
N LEU A 341 18.08 -14.37 0.51
CA LEU A 341 17.81 -14.85 -0.83
C LEU A 341 17.99 -13.75 -1.88
N VAL A 342 17.49 -12.53 -1.61
CA VAL A 342 17.61 -11.40 -2.55
C VAL A 342 19.08 -11.04 -2.86
N TRP A 343 19.97 -11.09 -1.85
CA TRP A 343 21.39 -10.84 -2.11
C TRP A 343 21.95 -11.92 -3.02
N TYR A 344 21.57 -13.20 -2.77
CA TYR A 344 22.01 -14.32 -3.62
C TYR A 344 21.43 -14.30 -5.04
N MET A 345 20.22 -13.70 -5.20
CA MET A 345 19.59 -13.47 -6.51
C MET A 345 20.46 -12.42 -7.28
N ALA A 346 20.93 -11.39 -6.57
CA ALA A 346 21.81 -10.37 -7.13
C ALA A 346 23.19 -10.95 -7.51
N LEU A 347 23.74 -11.87 -6.69
CA LEU A 347 25.04 -12.50 -6.94
C LEU A 347 25.06 -13.50 -8.06
N PHE A 348 24.01 -14.31 -8.17
CA PHE A 348 23.96 -15.38 -9.16
C PHE A 348 23.18 -15.10 -10.42
N TYR A 349 22.15 -14.21 -10.36
CA TYR A 349 21.33 -13.85 -11.53
C TYR A 349 21.20 -12.32 -11.63
N PRO A 350 22.31 -11.53 -11.78
CA PRO A 350 22.16 -10.06 -11.88
C PRO A 350 21.35 -9.56 -13.10
N GLU A 351 21.24 -10.38 -14.18
CA GLU A 351 20.47 -10.04 -15.39
C GLU A 351 18.97 -9.97 -15.08
N ARG A 352 18.51 -10.74 -14.10
CA ARG A 352 17.10 -10.91 -13.75
C ARG A 352 16.68 -10.01 -12.62
N VAL A 353 17.66 -9.31 -12.02
CA VAL A 353 17.45 -8.42 -10.88
C VAL A 353 17.63 -6.97 -11.32
N ARG A 354 16.53 -6.19 -11.33
CA ARG A 354 16.57 -4.77 -11.70
C ARG A 354 17.32 -4.00 -10.60
N ALA A 355 16.99 -4.30 -9.33
CA ALA A 355 17.61 -3.69 -8.14
C ALA A 355 17.39 -4.64 -6.95
N VAL A 356 18.20 -4.51 -5.91
CA VAL A 356 18.09 -5.39 -4.75
C VAL A 356 18.05 -4.56 -3.49
N ALA A 357 17.09 -4.84 -2.59
CA ALA A 357 17.03 -4.19 -1.30
C ALA A 357 16.80 -5.22 -0.20
N SER A 358 17.49 -5.05 0.92
CA SER A 358 17.29 -5.92 2.07
C SER A 358 16.94 -5.13 3.33
N LEU A 359 16.00 -5.64 4.11
CA LEU A 359 15.64 -5.09 5.42
C LEU A 359 16.29 -6.03 6.45
N ASN A 360 17.14 -5.45 7.33
CA ASN A 360 17.83 -6.07 8.48
C ASN A 360 18.93 -7.00 8.08
N THR A 361 18.69 -7.88 7.09
CA THR A 361 19.65 -8.89 6.69
C THR A 361 20.80 -8.28 5.94
N PRO A 362 22.05 -8.33 6.49
CA PRO A 362 23.20 -7.83 5.73
C PRO A 362 23.65 -8.86 4.69
N PHE A 363 24.54 -8.47 3.76
CA PHE A 363 25.07 -9.41 2.80
C PHE A 363 26.16 -10.18 3.51
N ILE A 364 25.89 -11.49 3.72
CA ILE A 364 26.81 -12.41 4.40
C ILE A 364 27.64 -13.27 3.43
N PRO A 365 28.90 -12.83 3.16
CA PRO A 365 29.76 -13.61 2.24
C PRO A 365 30.38 -14.80 2.96
N ALA A 366 30.41 -15.96 2.31
CA ALA A 366 30.97 -17.16 2.94
C ALA A 366 32.43 -16.99 3.30
N ASN A 367 32.84 -17.50 4.47
CA ASN A 367 34.25 -17.48 4.85
C ASN A 367 34.75 -18.87 4.40
N PRO A 368 35.59 -18.98 3.35
CA PRO A 368 36.03 -20.32 2.92
C PRO A 368 36.89 -21.04 3.97
N ASN A 369 37.49 -20.28 4.90
CA ASN A 369 38.32 -20.81 5.97
C ASN A 369 37.48 -21.27 7.16
N MET A 370 36.43 -20.52 7.49
CA MET A 370 35.60 -20.92 8.63
C MET A 370 34.48 -21.89 8.23
N SER A 371 33.20 -21.40 8.17
CA SER A 371 31.92 -22.06 7.85
C SER A 371 30.76 -21.32 8.58
N PRO A 372 29.46 -21.53 8.21
CA PRO A 372 28.38 -20.87 8.96
C PRO A 372 28.18 -21.46 10.36
N LEU A 373 28.32 -22.82 10.52
CA LEU A 373 28.19 -23.52 11.82
C LEU A 373 29.11 -22.96 12.89
N GLU A 374 30.41 -22.87 12.57
CA GLU A 374 31.44 -22.30 13.45
C GLU A 374 31.09 -20.85 13.81
N SER A 375 30.73 -20.03 12.78
CA SER A 375 30.34 -18.62 12.93
C SER A 375 29.11 -18.45 13.83
N ILE A 376 28.09 -19.33 13.67
CA ILE A 376 26.85 -19.31 14.45
C ILE A 376 27.10 -19.63 15.94
N LYS A 377 28.08 -20.50 16.21
CA LYS A 377 28.48 -20.87 17.56
C LYS A 377 29.20 -19.70 18.26
N ALA A 378 30.05 -18.95 17.50
CA ALA A 378 30.85 -17.80 17.96
C ALA A 378 30.04 -16.64 18.53
N ASN A 379 28.79 -16.46 18.07
CA ASN A 379 27.89 -15.40 18.48
C ASN A 379 26.63 -15.95 19.19
N PRO A 380 26.54 -15.77 20.53
CA PRO A 380 25.38 -16.30 21.29
C PRO A 380 23.96 -15.92 20.83
N VAL A 381 23.80 -14.75 20.14
CA VAL A 381 22.51 -14.26 19.61
C VAL A 381 21.95 -15.21 18.52
N PHE A 382 22.85 -15.95 17.83
CA PHE A 382 22.52 -16.91 16.79
C PHE A 382 22.28 -18.34 17.30
N ASP A 383 22.21 -18.54 18.64
CA ASP A 383 21.98 -19.84 19.30
C ASP A 383 20.70 -20.51 18.85
N TYR A 384 19.63 -19.71 18.68
CA TYR A 384 18.34 -20.21 18.22
C TYR A 384 18.46 -21.01 16.87
N GLN A 385 19.44 -20.67 15.99
CA GLN A 385 19.66 -21.37 14.71
C GLN A 385 20.14 -22.81 14.94
N LEU A 386 20.91 -23.05 16.04
CA LEU A 386 21.39 -24.39 16.44
C LEU A 386 20.19 -25.20 16.95
N TYR A 387 19.29 -24.55 17.71
CA TYR A 387 18.06 -25.15 18.21
C TYR A 387 17.17 -25.60 17.03
N PHE A 388 17.23 -24.85 15.92
CA PHE A 388 16.46 -25.12 14.70
C PHE A 388 17.00 -26.27 13.89
N GLN A 389 18.21 -26.74 14.19
CA GLN A 389 18.87 -27.82 13.42
C GLN A 389 18.22 -29.19 13.42
N GLU A 390 17.94 -29.76 14.61
CA GLU A 390 17.39 -31.10 14.73
C GLU A 390 15.97 -31.21 14.24
N PRO A 391 15.71 -31.97 13.16
CA PRO A 391 14.33 -32.09 12.65
C PRO A 391 13.33 -32.53 13.72
N GLY A 392 12.21 -31.81 13.84
CA GLY A 392 11.12 -32.18 14.76
C GLY A 392 11.00 -31.42 16.06
N VAL A 393 12.13 -31.07 16.66
CA VAL A 393 12.20 -30.39 17.94
C VAL A 393 11.57 -28.99 17.90
N ALA A 394 12.06 -28.09 17.02
CA ALA A 394 11.50 -26.75 16.90
C ALA A 394 10.07 -26.81 16.41
N GLU A 395 9.76 -27.78 15.48
CA GLU A 395 8.42 -28.00 14.92
C GLU A 395 7.38 -28.22 16.04
N ALA A 396 7.68 -29.12 17.00
CA ALA A 396 6.82 -29.45 18.13
C ALA A 396 6.47 -28.23 18.99
N GLU A 397 7.49 -27.41 19.36
CA GLU A 397 7.27 -26.19 20.14
C GLU A 397 6.48 -25.16 19.36
N LEU A 398 6.84 -24.88 18.09
CA LEU A 398 6.19 -23.86 17.25
C LEU A 398 4.77 -24.21 16.84
N GLU A 399 4.50 -25.50 16.60
CA GLU A 399 3.18 -26.03 16.23
C GLU A 399 2.26 -26.35 17.44
N GLN A 400 2.77 -26.38 18.68
CA GLN A 400 1.95 -26.72 19.85
C GLN A 400 0.73 -25.85 20.01
N ASN A 401 0.91 -24.54 19.94
CA ASN A 401 -0.15 -23.56 20.08
C ASN A 401 0.24 -22.39 19.16
N LEU A 402 -0.36 -22.35 17.95
CA LEU A 402 -0.07 -21.35 16.90
C LEU A 402 -0.26 -19.93 17.32
N SER A 403 -1.39 -19.64 17.97
CA SER A 403 -1.73 -18.32 18.50
C SER A 403 -0.63 -17.86 19.48
N ARG A 404 -0.17 -18.75 20.38
CA ARG A 404 0.89 -18.38 21.33
C ARG A 404 2.18 -18.10 20.56
N THR A 405 2.52 -18.96 19.57
CA THR A 405 3.71 -18.79 18.73
C THR A 405 3.85 -17.37 18.14
N PHE A 406 2.84 -16.90 17.39
CA PHE A 406 2.85 -15.61 16.70
C PHE A 406 2.70 -14.43 17.64
N LYS A 407 1.97 -14.61 18.77
CA LYS A 407 1.81 -13.59 19.79
C LYS A 407 3.14 -13.38 20.54
N SER A 408 3.88 -14.46 20.83
CA SER A 408 5.20 -14.41 21.47
C SER A 408 6.25 -13.82 20.50
N LEU A 409 6.21 -14.21 19.21
CA LEU A 409 7.21 -13.76 18.24
C LEU A 409 7.03 -12.35 17.76
N PHE A 410 5.80 -12.03 17.33
CA PHE A 410 5.48 -10.75 16.72
C PHE A 410 5.29 -9.65 17.77
N ARG A 411 6.40 -9.22 18.37
CA ARG A 411 6.43 -8.19 19.42
C ARG A 411 7.51 -7.18 19.12
N ALA A 412 7.33 -5.90 19.54
CA ALA A 412 8.38 -4.88 19.44
C ALA A 412 9.55 -5.20 20.41
N SER A 413 10.72 -4.56 20.19
CA SER A 413 11.95 -4.76 20.97
C SER A 413 11.76 -4.71 22.52
N ASP A 414 10.92 -3.77 22.99
CA ASP A 414 10.60 -3.58 24.40
C ASP A 414 9.69 -4.69 24.95
N GLU A 415 8.64 -5.04 24.18
CA GLU A 415 7.62 -6.04 24.52
C GLU A 415 8.10 -7.46 24.55
N SER A 416 9.29 -7.75 23.99
CA SER A 416 9.78 -9.12 23.87
C SER A 416 9.81 -9.96 25.12
N VAL A 417 9.51 -11.25 24.93
CA VAL A 417 9.40 -12.29 25.95
C VAL A 417 10.44 -13.42 25.75
N LEU A 418 11.21 -13.37 24.64
CA LEU A 418 12.22 -14.38 24.31
C LEU A 418 13.58 -14.05 24.90
N SER A 419 14.24 -15.07 25.51
CA SER A 419 15.58 -14.98 26.10
C SER A 419 16.56 -15.72 25.16
N MET A 420 16.77 -15.11 23.98
CA MET A 420 17.60 -15.53 22.84
C MET A 420 18.93 -16.19 23.14
N HIS A 421 19.63 -15.73 24.21
CA HIS A 421 20.96 -16.20 24.61
C HIS A 421 21.08 -17.70 24.86
N LYS A 422 20.16 -18.30 25.60
CA LYS A 422 20.21 -19.74 25.83
C LYS A 422 18.91 -20.45 25.52
N VAL A 423 18.68 -20.69 24.22
CA VAL A 423 17.50 -21.36 23.67
C VAL A 423 17.68 -22.88 23.79
N CYS A 424 18.86 -23.39 23.38
CA CYS A 424 19.24 -24.80 23.47
C CYS A 424 19.24 -25.29 24.94
N GLU A 425 20.04 -24.60 25.81
CA GLU A 425 20.21 -24.87 27.25
C GLU A 425 18.87 -24.97 27.99
N ALA A 426 18.00 -23.97 27.76
CA ALA A 426 16.66 -23.90 28.34
C ALA A 426 15.65 -24.83 27.64
N GLY A 427 16.05 -25.36 26.48
CA GLY A 427 15.23 -26.25 25.67
C GLY A 427 13.97 -25.62 25.10
N GLY A 428 14.15 -24.56 24.31
CA GLY A 428 13.04 -23.87 23.66
C GLY A 428 13.06 -22.36 23.67
N LEU A 429 12.39 -21.76 22.68
CA LEU A 429 12.24 -20.32 22.51
C LEU A 429 11.21 -19.71 23.43
N PHE A 430 10.17 -20.50 23.83
CA PHE A 430 9.05 -20.05 24.69
C PHE A 430 9.01 -20.65 26.11
N VAL A 431 10.13 -21.22 26.60
CA VAL A 431 10.18 -21.78 27.96
C VAL A 431 9.96 -20.72 29.07
N ASN A 432 10.15 -19.43 28.75
CA ASN A 432 9.93 -18.32 29.70
C ASN A 432 8.86 -17.35 29.21
N SER A 433 8.12 -17.72 28.15
CA SER A 433 7.02 -16.93 27.58
C SER A 433 5.71 -17.38 28.23
N PRO A 434 4.73 -16.49 28.43
CA PRO A 434 3.46 -16.92 29.02
C PRO A 434 2.67 -17.86 28.11
N GLU A 435 1.65 -18.54 28.67
CA GLU A 435 0.79 -19.45 27.92
C GLU A 435 -0.14 -18.64 27.05
N GLU A 436 -0.59 -17.50 27.58
CA GLU A 436 -1.47 -16.59 26.90
C GLU A 436 -0.77 -15.24 26.78
N PRO A 437 0.18 -15.09 25.81
CA PRO A 437 0.83 -13.78 25.64
C PRO A 437 -0.17 -12.67 25.34
N SER A 438 0.17 -11.44 25.77
CA SER A 438 -0.66 -10.27 25.49
C SER A 438 -0.46 -9.93 24.01
N LEU A 439 -1.33 -9.07 23.49
CA LEU A 439 -1.27 -8.65 22.10
C LEU A 439 -0.29 -7.49 22.02
N SER A 440 0.73 -7.61 21.17
CA SER A 440 1.72 -6.55 20.94
C SER A 440 1.02 -5.33 20.33
N ARG A 441 1.57 -4.10 20.54
CA ARG A 441 1.03 -2.85 19.99
C ARG A 441 1.07 -2.81 18.46
N MET A 442 1.90 -3.66 17.87
CA MET A 442 2.10 -3.78 16.42
C MET A 442 1.01 -4.56 15.71
N VAL A 443 0.34 -5.51 16.40
CA VAL A 443 -0.64 -6.40 15.79
C VAL A 443 -2.03 -6.41 16.42
N THR A 444 -3.04 -6.74 15.62
CA THR A 444 -4.39 -6.92 16.12
C THR A 444 -4.57 -8.44 16.29
N GLU A 445 -5.68 -8.83 16.92
CA GLU A 445 -6.05 -10.22 17.14
C GLU A 445 -6.29 -10.92 15.79
N GLU A 446 -6.92 -10.22 14.85
CA GLU A 446 -7.29 -10.64 13.50
C GLU A 446 -6.06 -10.93 12.63
N GLU A 447 -5.07 -10.03 12.62
CA GLU A 447 -3.81 -10.22 11.93
C GLU A 447 -3.07 -11.46 12.45
N ILE A 448 -3.10 -11.73 13.79
CA ILE A 448 -2.49 -12.93 14.40
C ILE A 448 -3.23 -14.17 13.89
N GLN A 449 -4.57 -14.07 13.80
CA GLN A 449 -5.41 -15.19 13.37
C GLN A 449 -5.26 -15.53 11.90
N PHE A 450 -4.85 -14.57 11.07
CA PHE A 450 -4.57 -14.83 9.67
C PHE A 450 -3.30 -15.70 9.56
N TYR A 451 -2.25 -15.38 10.35
CA TYR A 451 -1.02 -16.18 10.39
C TYR A 451 -1.30 -17.59 10.90
N VAL A 452 -2.16 -17.71 11.95
CA VAL A 452 -2.57 -18.99 12.56
C VAL A 452 -3.19 -19.91 11.49
N GLN A 453 -4.19 -19.38 10.74
CA GLN A 453 -4.87 -20.10 9.68
C GLN A 453 -3.91 -20.49 8.56
N GLN A 454 -2.95 -19.61 8.23
CA GLN A 454 -1.93 -19.86 7.21
C GLN A 454 -1.04 -21.05 7.57
N PHE A 455 -0.51 -21.07 8.81
CA PHE A 455 0.36 -22.15 9.30
C PHE A 455 -0.33 -23.48 9.64
N LYS A 456 -1.67 -23.53 9.54
CA LYS A 456 -2.43 -24.75 9.79
C LYS A 456 -2.21 -25.74 8.65
N LYS A 457 -1.95 -25.22 7.43
CA LYS A 457 -1.75 -26.06 6.27
C LYS A 457 -0.45 -26.90 6.31
N SER A 458 0.71 -26.25 6.45
CA SER A 458 1.96 -27.02 6.39
C SER A 458 2.80 -27.01 7.66
N GLY A 459 2.51 -26.08 8.57
CA GLY A 459 3.25 -25.91 9.81
C GLY A 459 4.62 -25.30 9.60
N PHE A 460 5.59 -25.74 10.41
CA PHE A 460 6.95 -25.21 10.47
C PHE A 460 8.10 -26.06 9.87
N ARG A 461 7.81 -27.25 9.30
CA ARG A 461 8.87 -28.06 8.67
C ARG A 461 9.64 -27.36 7.51
N GLY A 462 8.88 -26.97 6.47
CA GLY A 462 9.37 -26.27 5.28
C GLY A 462 10.04 -24.96 5.67
N PRO A 463 9.33 -24.09 6.43
CA PRO A 463 9.98 -22.88 6.97
C PRO A 463 11.28 -23.13 7.76
N LEU A 464 11.32 -24.14 8.66
CA LEU A 464 12.55 -24.46 9.44
C LEU A 464 13.68 -24.99 8.61
N ASN A 465 13.36 -25.66 7.50
CA ASN A 465 14.34 -26.23 6.57
C ASN A 465 15.22 -25.17 5.92
N TRP A 466 14.74 -23.90 5.85
CA TRP A 466 15.53 -22.77 5.31
C TRP A 466 16.86 -22.60 6.12
N TYR A 467 16.84 -22.95 7.44
CA TYR A 467 17.97 -22.90 8.39
C TYR A 467 18.81 -24.17 8.40
N ARG A 468 18.32 -25.23 7.76
CA ARG A 468 18.97 -26.55 7.80
C ARG A 468 19.84 -26.86 6.56
N ASN A 469 20.30 -25.79 5.87
CA ASN A 469 21.11 -25.92 4.66
C ASN A 469 22.45 -25.18 4.71
N MET A 470 23.00 -24.98 5.92
CA MET A 470 24.27 -24.27 6.16
C MET A 470 25.46 -24.76 5.35
N GLU A 471 25.77 -26.08 5.37
CA GLU A 471 26.91 -26.62 4.63
C GLU A 471 26.67 -26.52 3.11
N ARG A 472 25.43 -26.74 2.66
CA ARG A 472 25.02 -26.68 1.26
C ARG A 472 25.13 -25.24 0.71
N ASN A 473 24.60 -24.27 1.46
CA ASN A 473 24.66 -22.84 1.14
C ASN A 473 26.08 -22.34 1.12
N TRP A 474 26.91 -22.75 2.09
CA TRP A 474 28.32 -22.34 2.20
C TRP A 474 29.13 -22.74 0.95
N LYS A 475 28.98 -23.98 0.49
CA LYS A 475 29.63 -24.51 -0.70
C LYS A 475 29.23 -23.73 -1.95
N TRP A 476 27.93 -23.46 -2.12
CA TRP A 476 27.35 -22.73 -3.21
C TRP A 476 27.81 -21.27 -3.21
N ALA A 477 27.81 -20.62 -2.04
CA ALA A 477 28.24 -19.23 -1.85
C ALA A 477 29.71 -19.02 -2.17
N CYS A 478 30.56 -20.01 -1.85
CA CYS A 478 32.00 -19.95 -2.12
C CYS A 478 32.36 -19.76 -3.58
N LYS A 479 31.44 -20.12 -4.50
CA LYS A 479 31.60 -19.96 -5.96
C LYS A 479 31.54 -18.48 -6.36
N SER A 480 30.95 -17.64 -5.48
CA SER A 480 30.76 -16.19 -5.68
C SER A 480 31.79 -15.31 -4.95
N LEU A 481 32.82 -15.93 -4.36
CA LEU A 481 33.82 -15.21 -3.58
C LEU A 481 34.69 -14.19 -4.34
N GLY A 482 34.78 -14.33 -5.66
CA GLY A 482 35.48 -13.39 -6.53
C GLY A 482 34.58 -12.31 -7.13
N ARG A 483 33.23 -12.41 -6.94
CA ARG A 483 32.30 -11.43 -7.52
C ARG A 483 32.08 -10.21 -6.69
N LYS A 484 31.32 -9.26 -7.24
CA LYS A 484 30.89 -8.07 -6.52
C LYS A 484 29.46 -7.78 -6.93
N ILE A 485 28.70 -7.12 -6.07
CA ILE A 485 27.34 -6.70 -6.41
C ILE A 485 27.48 -5.27 -6.93
N LEU A 486 27.22 -5.09 -8.23
CA LEU A 486 27.37 -3.83 -8.93
C LEU A 486 26.07 -3.27 -9.50
N ILE A 487 24.96 -3.97 -9.25
CA ILE A 487 23.64 -3.52 -9.64
C ILE A 487 23.09 -2.59 -8.52
N PRO A 488 22.02 -1.75 -8.74
CA PRO A 488 21.55 -0.87 -7.65
C PRO A 488 21.15 -1.67 -6.41
N ALA A 489 21.64 -1.27 -5.23
CA ALA A 489 21.41 -2.01 -3.99
C ALA A 489 21.18 -1.12 -2.79
N LEU A 490 20.25 -1.53 -1.91
CA LEU A 490 19.86 -0.83 -0.69
C LEU A 490 19.92 -1.75 0.52
N MET A 491 20.55 -1.25 1.61
CA MET A 491 20.63 -1.99 2.83
C MET A 491 19.89 -1.20 3.90
N VAL A 492 18.85 -1.78 4.50
CA VAL A 492 18.12 -1.06 5.55
C VAL A 492 18.38 -1.74 6.88
N THR A 493 18.98 -0.98 7.81
CA THR A 493 19.26 -1.51 9.14
C THR A 493 18.15 -1.07 10.10
N ALA A 494 17.92 -1.92 11.15
CA ALA A 494 16.92 -1.71 12.20
C ALA A 494 17.66 -1.61 13.55
N GLU A 495 17.58 -0.45 14.22
CA GLU A 495 18.28 -0.15 15.47
C GLU A 495 18.19 -1.24 16.56
N LYS A 496 16.97 -1.64 16.88
CA LYS A 496 16.68 -2.57 17.94
C LYS A 496 16.49 -4.04 17.53
N ASP A 497 17.05 -4.46 16.38
CA ASP A 497 17.02 -5.89 16.01
C ASP A 497 18.19 -6.48 16.78
N PHE A 498 17.94 -7.42 17.70
CA PHE A 498 18.98 -7.99 18.55
C PHE A 498 19.77 -9.15 17.96
N VAL A 499 19.33 -9.66 16.82
CA VAL A 499 20.02 -10.74 16.10
C VAL A 499 20.73 -10.14 14.87
N LEU A 500 19.95 -9.50 13.97
CA LEU A 500 20.47 -8.87 12.75
C LEU A 500 20.78 -7.41 13.09
N VAL A 501 21.81 -7.21 13.92
CA VAL A 501 22.24 -5.89 14.42
C VAL A 501 22.83 -5.02 13.31
N PRO A 502 22.58 -3.70 13.32
CA PRO A 502 23.14 -2.82 12.28
C PRO A 502 24.64 -2.93 12.02
N GLN A 503 25.45 -3.18 13.09
CA GLN A 503 26.90 -3.28 12.97
C GLN A 503 27.39 -4.48 12.14
N MET A 504 26.51 -5.48 11.94
CA MET A 504 26.78 -6.67 11.15
C MET A 504 26.87 -6.34 9.66
N SER A 505 26.38 -5.16 9.24
CA SER A 505 26.36 -4.72 7.85
C SER A 505 27.51 -3.78 7.50
N GLN A 506 28.34 -3.44 8.50
CA GLN A 506 29.44 -2.47 8.37
C GLN A 506 30.49 -2.74 7.27
N HIS A 507 30.68 -3.99 6.85
CA HIS A 507 31.65 -4.30 5.81
C HIS A 507 31.11 -4.50 4.42
N MET A 508 29.81 -4.30 4.24
CA MET A 508 29.11 -4.53 2.98
C MET A 508 29.64 -3.76 1.78
N GLU A 509 30.18 -2.54 1.98
CA GLU A 509 30.74 -1.70 0.89
C GLU A 509 31.95 -2.32 0.18
N ASP A 510 32.63 -3.27 0.83
CA ASP A 510 33.75 -4.00 0.25
C ASP A 510 33.27 -4.87 -0.91
N TRP A 511 32.05 -5.40 -0.79
CA TRP A 511 31.41 -6.27 -1.76
C TRP A 511 30.43 -5.55 -2.65
N ILE A 512 29.84 -4.46 -2.16
CA ILE A 512 28.82 -3.66 -2.85
C ILE A 512 29.27 -2.18 -2.78
N PRO A 513 30.25 -1.72 -3.61
CA PRO A 513 30.77 -0.35 -3.47
C PRO A 513 29.79 0.81 -3.64
N HIS A 514 28.78 0.62 -4.51
CA HIS A 514 27.77 1.65 -4.79
C HIS A 514 26.55 1.52 -3.89
N LEU A 515 26.63 0.69 -2.85
CA LEU A 515 25.54 0.47 -1.89
C LEU A 515 24.93 1.73 -1.30
N LYS A 516 23.59 1.80 -1.32
CA LYS A 516 22.87 2.88 -0.68
C LYS A 516 22.33 2.33 0.64
N ARG A 517 22.12 3.21 1.63
CA ARG A 517 21.66 2.79 2.94
C ARG A 517 20.43 3.54 3.40
N GLY A 518 19.73 2.92 4.34
CA GLY A 518 18.58 3.43 5.06
C GLY A 518 18.71 2.93 6.48
N HIS A 519 18.13 3.62 7.45
CA HIS A 519 18.26 3.21 8.85
C HIS A 519 17.05 3.64 9.64
N ILE A 520 16.47 2.72 10.41
CA ILE A 520 15.29 2.99 11.21
C ILE A 520 15.55 2.85 12.72
N GLU A 521 15.38 3.98 13.41
CA GLU A 521 15.55 4.13 14.85
C GLU A 521 14.34 3.47 15.50
N ASP A 522 14.53 2.91 16.73
CA ASP A 522 13.52 2.26 17.57
C ASP A 522 12.70 1.16 16.81
N CYS A 523 13.39 0.44 15.92
CA CYS A 523 12.78 -0.59 15.08
C CYS A 523 13.41 -1.94 15.39
N GLY A 524 12.56 -2.90 15.74
CA GLY A 524 12.96 -4.27 16.06
C GLY A 524 13.09 -5.14 14.81
N HIS A 525 12.98 -6.46 15.01
CA HIS A 525 13.10 -7.44 13.95
C HIS A 525 12.00 -7.39 12.86
N TRP A 526 10.74 -7.19 13.28
CA TRP A 526 9.55 -7.16 12.41
C TRP A 526 9.35 -5.78 11.76
N THR A 527 10.36 -5.35 11.01
CA THR A 527 10.49 -4.04 10.36
C THR A 527 9.24 -3.47 9.73
N GLN A 528 8.62 -4.25 8.82
CA GLN A 528 7.48 -3.87 8.01
C GLN A 528 6.26 -3.44 8.83
N MET A 529 5.99 -4.10 9.98
CA MET A 529 4.85 -3.78 10.84
C MET A 529 5.21 -2.88 12.03
N ASP A 530 6.50 -2.88 12.41
CA ASP A 530 7.04 -2.05 13.50
C ASP A 530 7.01 -0.60 13.04
N LYS A 531 7.70 -0.31 11.91
CA LYS A 531 7.79 1.04 11.36
C LYS A 531 7.32 1.09 9.89
N PRO A 532 6.00 0.83 9.61
CA PRO A 532 5.54 0.80 8.20
C PRO A 532 5.71 2.08 7.38
N THR A 533 5.41 3.22 7.96
CA THR A 533 5.50 4.56 7.36
C THR A 533 6.95 4.86 6.94
N GLU A 534 7.92 4.57 7.81
CA GLU A 534 9.32 4.82 7.49
C GLU A 534 9.89 3.85 6.46
N VAL A 535 9.53 2.54 6.55
CA VAL A 535 9.87 1.51 5.55
C VAL A 535 9.38 1.99 4.19
N ASN A 536 8.07 2.37 4.09
CA ASN A 536 7.48 2.86 2.82
C ASN A 536 8.22 4.04 2.24
N GLN A 537 8.56 5.03 3.09
CA GLN A 537 9.29 6.22 2.70
C GLN A 537 10.71 5.86 2.15
N ILE A 538 11.47 5.01 2.87
CA ILE A 538 12.79 4.55 2.43
C ILE A 538 12.72 3.79 1.07
N LEU A 539 11.83 2.79 0.96
CA LEU A 539 11.68 2.01 -0.27
C LEU A 539 11.20 2.82 -1.45
N ILE A 540 10.17 3.69 -1.27
CA ILE A 540 9.68 4.50 -2.38
C ILE A 540 10.76 5.48 -2.90
N LYS A 541 11.47 6.17 -2.00
CA LYS A 541 12.55 7.09 -2.36
C LYS A 541 13.68 6.38 -3.20
N TRP A 542 14.16 5.24 -2.71
CA TRP A 542 15.18 4.41 -3.37
C TRP A 542 14.65 3.83 -4.70
N LEU A 543 13.40 3.33 -4.73
CA LEU A 543 12.79 2.81 -5.97
C LEU A 543 12.72 3.88 -7.07
N ASP A 544 12.18 5.06 -6.75
CA ASP A 544 12.04 6.16 -7.71
C ASP A 544 13.39 6.71 -8.23
N SER A 545 14.46 6.64 -7.40
CA SER A 545 15.78 7.12 -7.80
C SER A 545 16.65 6.08 -8.50
N ASP A 546 16.61 4.80 -8.05
CA ASP A 546 17.48 3.69 -8.51
C ASP A 546 16.87 2.52 -9.30
N ALA A 547 15.52 2.37 -9.29
CA ALA A 547 14.84 1.26 -9.97
C ALA A 547 13.93 1.67 -11.15
N ARG A 548 13.86 2.99 -11.46
CA ARG A 548 13.04 3.58 -12.55
C ARG A 548 11.54 3.41 -12.31
#